data_7OW1
#
_entry.id   7OW1
#
_cell.length_a   71.179
_cell.length_b   71.179
_cell.length_c   173.370
_cell.angle_alpha   90.00
_cell.angle_beta   90.00
_cell.angle_gamma   90.00
#
_symmetry.space_group_name_H-M   'P 41 21 2'
#
loop_
_entity.id
_entity.type
_entity.pdbx_description
1 polymer 'Amyloid-beta precursor protein'
2 polymer 'TAP01 family antibody heavy chain'
3 polymer 'TAP01 family antibody light chain'
4 non-polymer 'CITRATE ANION'
5 water water
#
loop_
_entity_poly.entity_id
_entity_poly.type
_entity_poly.pdbx_seq_one_letter_code
_entity_poly.pdbx_strand_id
1 'polypeptide(L)' (PCA)FRHDSGYEVHH A
2 'polypeptide(L)'
;QVQLKQSGPGLVQPSQSLSITCTVSGFSLTSYGIHWVRQSPGKGLEWLGVMWSGGITDFYAAFISRLSISRDISKSQVFF
KMNSLQADDTAIYYCARGSRYALDYWGQGTSVSVSSASTKGPSVFPLAPSSKSTSGGTAALGCLVKDYFPEPVTVSWNSG
ALTSGVHTFPAVLQSSGLYSLSSVVTVPSSSLGTQTYICNVNHKPSNTKVDKKVEPKSC
;
H
3 'polypeptide(L)'
;DIQMTQTTSSLSASLGDRVTISCRASQDISNYLNWYQQKPDGTVKLLIYYTSRLHSGVPSRFSGSGSGTDYSLTISNLEQ
EDIATYFCQQGNTLPPTFGGGTKLEIKRTVAAPSVFIFPPSDEQLKSGTASVVCLLNNFYPREAKVQWKVDNALQSGNSQ
ESVTEQDSKDSTYSLSSTLTLSKADYEKHKVYACEVTHQGLSSPVTKSFNRGEC
;
K
#
loop_
_chem_comp.id
_chem_comp.type
_chem_comp.name
_chem_comp.formula
FLC non-polymer 'CITRATE ANION' 'C6 H5 O7 -3'
#
# COMPACT_ATOMS: atom_id res chain seq x y z
N PCA A 1 1.66 -15.57 30.46
CA PCA A 1 2.18 -15.90 29.15
CB PCA A 1 3.69 -16.11 29.40
CG PCA A 1 3.72 -16.51 30.86
CD PCA A 1 2.50 -15.84 31.46
OE PCA A 1 2.30 -15.61 32.64
C PCA A 1 1.61 -17.20 28.57
O PCA A 1 1.28 -18.10 29.31
N PHE A 2 1.55 -17.24 27.25
CA PHE A 2 1.39 -18.50 26.56
C PHE A 2 2.64 -18.74 25.74
N ARG A 3 3.04 -20.00 25.64
CA ARG A 3 4.18 -20.38 24.76
C ARG A 3 3.72 -20.29 23.30
N HIS A 4 4.46 -19.59 22.46
CA HIS A 4 4.06 -19.42 21.05
C HIS A 4 4.40 -20.62 20.19
N ASP A 5 5.08 -21.61 20.79
CA ASP A 5 5.40 -22.87 20.11
C ASP A 5 4.39 -23.98 20.39
N SER A 6 4.24 -24.33 21.67
CA SER A 6 3.35 -25.40 22.08
C SER A 6 1.96 -24.96 22.46
N GLY A 7 1.77 -23.66 22.72
CA GLY A 7 0.50 -23.10 23.16
C GLY A 7 0.21 -23.26 24.63
N TYR A 8 1.19 -23.76 25.37
CA TYR A 8 1.05 -24.00 26.83
C TYR A 8 0.79 -22.67 27.53
N GLU A 9 -0.26 -22.58 28.34
CA GLU A 9 -0.65 -21.35 29.01
C GLU A 9 -0.61 -21.49 30.52
N VAL A 10 0.12 -20.60 31.20
CA VAL A 10 0.23 -20.64 32.68
C VAL A 10 -1.15 -20.47 33.37
N GLN B 1 19.72 -22.39 8.72
CA GLN B 1 19.05 -21.08 8.49
C GLN B 1 17.53 -21.30 8.38
N VAL B 2 16.77 -20.49 9.11
CA VAL B 2 15.36 -20.72 9.31
C VAL B 2 14.69 -20.08 8.12
N GLN B 3 13.85 -20.86 7.41
CA GLN B 3 13.11 -20.34 6.25
C GLN B 3 11.68 -20.88 6.28
N LEU B 4 10.74 -20.01 5.91
CA LEU B 4 9.36 -20.37 5.67
C LEU B 4 9.02 -19.83 4.30
N LYS B 5 8.58 -20.73 3.41
CA LYS B 5 8.26 -20.40 2.03
C LYS B 5 6.78 -20.72 1.76
N GLN B 6 6.01 -19.71 1.38
CA GLN B 6 4.57 -19.87 1.09
C GLN B 6 4.35 -20.13 -0.38
N SER B 7 3.33 -20.97 -0.69
CA SER B 7 2.82 -21.13 -2.03
C SER B 7 1.29 -21.12 -1.96
N GLY B 8 0.67 -20.58 -3.01
CA GLY B 8 -0.78 -20.49 -3.04
C GLY B 8 -1.20 -19.36 -3.97
N PRO B 9 -2.51 -19.15 -4.20
CA PRO B 9 -2.98 -18.27 -5.25
C PRO B 9 -2.98 -16.75 -4.97
N GLY B 10 -2.90 -15.94 -6.02
CA GLY B 10 -3.04 -14.49 -5.94
C GLY B 10 -4.46 -13.99 -6.07
N LEU B 11 -5.32 -14.90 -6.52
CA LEU B 11 -6.68 -14.58 -6.88
C LEU B 11 -7.59 -15.71 -6.50
N VAL B 12 -8.60 -15.38 -5.69
CA VAL B 12 -9.66 -16.29 -5.30
C VAL B 12 -10.99 -15.66 -5.74
N GLN B 13 -11.85 -16.45 -6.38
CA GLN B 13 -13.17 -16.01 -6.71
C GLN B 13 -13.98 -15.92 -5.43
N PRO B 14 -14.88 -14.94 -5.31
CA PRO B 14 -15.77 -14.87 -4.17
C PRO B 14 -16.57 -16.16 -3.97
N SER B 15 -16.68 -16.59 -2.71
CA SER B 15 -17.31 -17.83 -2.28
C SER B 15 -16.50 -19.08 -2.54
N GLN B 16 -15.28 -18.93 -3.05
CA GLN B 16 -14.33 -20.03 -3.18
C GLN B 16 -13.32 -19.99 -2.04
N SER B 17 -12.61 -21.10 -1.88
CA SER B 17 -11.64 -21.25 -0.81
C SER B 17 -10.23 -20.77 -1.17
N LEU B 18 -9.48 -20.45 -0.11
CA LEU B 18 -8.05 -20.10 -0.17
C LEU B 18 -7.24 -21.20 0.47
N SER B 19 -6.26 -21.73 -0.26
CA SER B 19 -5.32 -22.72 0.25
C SER B 19 -3.93 -22.19 0.12
N ILE B 20 -3.16 -22.26 1.21
CA ILE B 20 -1.75 -21.86 1.24
C ILE B 20 -0.96 -22.92 1.93
N THR B 21 0.18 -23.29 1.32
CA THR B 21 1.13 -24.18 1.97
C THR B 21 2.31 -23.39 2.43
N CYS B 22 2.70 -23.64 3.69
CA CYS B 22 3.92 -23.11 4.29
C CYS B 22 4.94 -24.23 4.41
N THR B 23 6.01 -24.16 3.60
CA THR B 23 7.07 -25.18 3.59
C THR B 23 8.22 -24.60 4.35
N VAL B 24 8.68 -25.30 5.39
CA VAL B 24 9.69 -24.79 6.33
C VAL B 24 10.97 -25.56 6.20
N SER B 25 12.05 -24.90 6.58
CA SER B 25 13.37 -25.51 6.64
C SER B 25 14.23 -24.89 7.73
N GLY B 26 15.18 -25.69 8.19
CA GLY B 26 16.08 -25.27 9.26
C GLY B 26 15.52 -25.47 10.65
N PHE B 27 14.37 -26.17 10.76
CA PHE B 27 13.78 -26.55 12.03
C PHE B 27 12.70 -27.60 11.76
N SER B 28 12.27 -28.27 12.84
CA SER B 28 11.22 -29.27 12.82
C SER B 28 9.90 -28.67 13.24
N LEU B 29 8.84 -29.01 12.51
CA LEU B 29 7.50 -28.62 12.90
C LEU B 29 7.14 -29.13 14.29
N THR B 30 7.81 -30.23 14.71
CA THR B 30 7.47 -30.81 16.01
C THR B 30 7.98 -29.98 17.20
N SER B 31 8.82 -29.00 16.91
CA SER B 31 9.46 -28.15 17.96
C SER B 31 8.92 -26.72 18.00
N TYR B 32 8.17 -26.30 16.97
CA TYR B 32 7.77 -24.89 16.82
C TYR B 32 6.32 -24.83 16.33
N GLY B 33 5.62 -23.74 16.67
CA GLY B 33 4.29 -23.52 16.17
C GLY B 33 4.36 -22.84 14.82
N ILE B 34 3.31 -23.00 14.02
CA ILE B 34 3.18 -22.27 12.77
C ILE B 34 1.88 -21.49 12.82
N HIS B 35 2.01 -20.17 12.94
CA HIS B 35 0.89 -19.22 13.07
C HIS B 35 0.51 -18.69 11.71
N TRP B 36 -0.77 -18.32 11.57
CA TRP B 36 -1.30 -17.74 10.36
C TRP B 36 -1.91 -16.39 10.71
N VAL B 37 -1.41 -15.38 10.01
CA VAL B 37 -1.73 -13.97 10.28
C VAL B 37 -2.02 -13.31 8.96
N ARG B 38 -2.92 -12.32 8.94
CA ARG B 38 -3.11 -11.53 7.69
C ARG B 38 -3.07 -10.02 7.98
N GLN B 39 -2.74 -9.26 6.96
CA GLN B 39 -2.75 -7.81 7.00
C GLN B 39 -3.58 -7.29 5.84
N SER B 40 -4.65 -6.58 6.17
CA SER B 40 -5.60 -5.98 5.19
C SER B 40 -5.24 -4.51 5.10
N PRO B 41 -5.50 -3.83 3.95
CA PRO B 41 -5.24 -2.39 3.83
C PRO B 41 -6.07 -1.66 4.89
N GLY B 42 -5.42 -0.76 5.63
CA GLY B 42 -6.09 0.08 6.59
C GLY B 42 -6.56 -0.72 7.79
N LYS B 43 -5.98 -1.91 7.95
CA LYS B 43 -6.16 -2.68 9.14
C LYS B 43 -4.79 -3.19 9.49
N GLY B 44 -4.65 -3.57 10.75
CA GLY B 44 -3.41 -4.08 11.22
C GLY B 44 -3.29 -5.54 10.91
N LEU B 45 -2.36 -6.13 11.64
CA LEU B 45 -2.20 -7.54 11.65
C LEU B 45 -3.36 -8.21 12.43
N GLU B 46 -3.91 -9.29 11.85
CA GLU B 46 -4.97 -10.08 12.46
C GLU B 46 -4.50 -11.54 12.55
N TRP B 47 -4.54 -12.09 13.76
CA TRP B 47 -4.23 -13.50 13.96
C TRP B 47 -5.42 -14.39 13.64
N LEU B 48 -5.18 -15.40 12.79
CA LEU B 48 -6.26 -16.29 12.34
C LEU B 48 -6.28 -17.63 13.07
N GLY B 49 -5.09 -18.19 13.31
CA GLY B 49 -4.97 -19.46 14.01
C GLY B 49 -3.53 -19.98 13.93
N VAL B 50 -3.35 -21.16 14.48
CA VAL B 50 -2.02 -21.77 14.61
C VAL B 50 -2.13 -23.29 14.58
N MET B 51 -1.07 -23.90 14.07
CA MET B 51 -0.74 -25.30 14.30
C MET B 51 0.38 -25.33 15.35
N TRP B 52 0.04 -25.66 16.58
CA TRP B 52 1.03 -25.77 17.65
C TRP B 52 2.01 -26.88 17.35
N SER B 53 3.16 -26.82 18.03
CA SER B 53 4.22 -27.81 17.86
C SER B 53 3.76 -29.26 18.04
N GLY B 54 2.82 -29.46 18.96
CA GLY B 54 2.30 -30.79 19.24
C GLY B 54 1.24 -31.33 18.28
N GLY B 55 0.82 -30.52 17.31
CA GLY B 55 -0.04 -31.00 16.26
C GLY B 55 -1.52 -30.64 16.41
N ILE B 56 -1.88 -29.97 17.50
CA ILE B 56 -3.23 -29.45 17.68
C ILE B 56 -3.31 -28.00 17.22
N THR B 57 -4.52 -27.59 16.79
CA THR B 57 -4.75 -26.26 16.25
C THR B 57 -5.54 -25.40 17.20
N ASP B 58 -5.48 -24.09 16.96
CA ASP B 58 -6.34 -23.14 17.66
C ASP B 58 -6.74 -22.10 16.62
N PHE B 59 -8.03 -21.79 16.55
CA PHE B 59 -8.57 -20.87 15.56
C PHE B 59 -9.15 -19.69 16.31
N TYR B 60 -8.99 -18.48 15.73
CA TYR B 60 -9.65 -17.28 16.26
C TYR B 60 -11.18 -17.44 16.12
N ALA B 61 -11.93 -16.94 17.08
CA ALA B 61 -13.37 -17.14 17.19
C ALA B 61 -14.16 -16.84 15.89
N ALA B 62 -13.76 -15.78 15.17
CA ALA B 62 -14.44 -15.34 13.97
C ALA B 62 -14.18 -16.25 12.78
N PHE B 63 -13.31 -17.25 12.95
CA PHE B 63 -12.98 -18.17 11.87
C PHE B 63 -13.26 -19.63 12.18
N ILE B 64 -13.97 -19.90 13.28
CA ILE B 64 -14.07 -21.27 13.76
C ILE B 64 -14.70 -22.26 12.78
N SER B 65 -15.61 -21.80 11.92
CA SER B 65 -16.28 -22.69 10.98
C SER B 65 -15.70 -22.66 9.57
N ARG B 66 -14.71 -21.79 9.33
CA ARG B 66 -14.20 -21.53 7.97
C ARG B 66 -12.77 -22.01 7.80
N LEU B 67 -12.05 -22.30 8.88
CA LEU B 67 -10.63 -22.65 8.81
C LEU B 67 -10.34 -24.10 8.97
N SER B 68 -9.33 -24.55 8.23
CA SER B 68 -8.72 -25.88 8.38
C SER B 68 -7.21 -25.62 8.38
N ILE B 69 -6.50 -26.24 9.35
CA ILE B 69 -5.05 -26.21 9.39
C ILE B 69 -4.58 -27.63 9.70
N SER B 70 -3.65 -28.13 8.89
CA SER B 70 -3.10 -29.46 9.09
C SER B 70 -1.63 -29.44 8.73
N ARG B 71 -0.93 -30.54 8.96
CA ARG B 71 0.50 -30.56 8.61
C ARG B 71 0.97 -31.94 8.16
N ASP B 72 2.07 -31.95 7.44
CA ASP B 72 2.78 -33.15 7.07
C ASP B 72 4.23 -32.98 7.57
N ILE B 73 4.54 -33.57 8.72
CA ILE B 73 5.85 -33.43 9.35
C ILE B 73 6.99 -33.91 8.48
N SER B 74 6.78 -35.02 7.79
CA SER B 74 7.82 -35.60 6.94
C SER B 74 8.24 -34.65 5.81
N LYS B 75 7.29 -33.85 5.33
CA LYS B 75 7.46 -32.93 4.22
C LYS B 75 7.71 -31.52 4.67
N SER B 76 7.73 -31.31 6.00
CA SER B 76 7.89 -29.98 6.59
C SER B 76 6.90 -28.96 6.03
N GLN B 77 5.65 -29.39 5.89
CA GLN B 77 4.58 -28.56 5.39
C GLN B 77 3.42 -28.37 6.35
N VAL B 78 2.92 -27.13 6.40
CA VAL B 78 1.70 -26.78 7.10
C VAL B 78 0.76 -26.25 6.02
N PHE B 79 -0.47 -26.79 6.07
CA PHE B 79 -1.53 -26.45 5.14
C PHE B 79 -2.60 -25.60 5.81
N PHE B 80 -2.86 -24.45 5.21
CA PHE B 80 -3.92 -23.53 5.61
C PHE B 80 -5.03 -23.55 4.56
N LYS B 81 -6.28 -23.62 5.01
CA LYS B 81 -7.42 -23.44 4.11
C LYS B 81 -8.48 -22.60 4.78
N MET B 82 -8.98 -21.59 4.05
CA MET B 82 -10.09 -20.79 4.53
C MET B 82 -11.22 -20.86 3.51
N ASN B 83 -12.42 -21.18 3.99
CA ASN B 83 -13.60 -21.38 3.14
C ASN B 83 -14.24 -20.04 2.76
N SER B 84 -14.88 -20.01 1.59
CA SER B 84 -15.80 -18.95 1.13
C SER B 84 -15.31 -17.53 1.35
N LEU B 85 -14.28 -17.15 0.62
CA LEU B 85 -13.70 -15.82 0.77
C LEU B 85 -14.63 -14.78 0.21
N GLN B 86 -14.60 -13.61 0.84
CA GLN B 86 -15.37 -12.48 0.39
C GLN B 86 -14.45 -11.26 0.33
N ALA B 87 -15.00 -10.10 -0.07
CA ALA B 87 -14.18 -8.93 -0.32
C ALA B 87 -13.30 -8.57 0.89
N ASP B 88 -13.84 -8.70 2.11
CA ASP B 88 -13.11 -8.29 3.32
C ASP B 88 -12.04 -9.31 3.74
N ASP B 89 -11.87 -10.37 2.93
CA ASP B 89 -10.75 -11.29 3.08
C ASP B 89 -9.57 -11.00 2.16
N THR B 90 -9.66 -9.99 1.30
CA THR B 90 -8.49 -9.55 0.55
C THR B 90 -7.43 -9.05 1.59
N ALA B 91 -6.21 -9.56 1.51
CA ALA B 91 -5.17 -9.31 2.49
C ALA B 91 -3.90 -9.95 2.03
N ILE B 92 -2.79 -9.58 2.69
CA ILE B 92 -1.55 -10.36 2.62
C ILE B 92 -1.65 -11.37 3.76
N TYR B 93 -1.48 -12.65 3.42
CA TYR B 93 -1.54 -13.76 4.38
C TYR B 93 -0.12 -14.28 4.65
N TYR B 94 0.19 -14.49 5.92
CA TYR B 94 1.53 -14.96 6.34
C TYR B 94 1.41 -16.24 7.16
N CYS B 95 2.41 -17.10 7.02
CA CYS B 95 2.71 -18.05 8.07
C CYS B 95 3.91 -17.50 8.84
N ALA B 96 4.02 -17.91 10.11
CA ALA B 96 5.11 -17.40 10.95
C ALA B 96 5.42 -18.45 12.00
N ARG B 97 6.72 -18.65 12.24
CA ARG B 97 7.18 -19.61 13.26
C ARG B 97 6.95 -19.04 14.66
N GLY B 98 6.38 -19.84 15.55
CA GLY B 98 6.25 -19.48 16.95
C GLY B 98 7.29 -20.23 17.76
N SER B 99 8.12 -19.46 18.48
CA SER B 99 9.10 -20.00 19.41
C SER B 99 8.52 -19.73 20.80
N ARG B 100 9.34 -19.69 21.84
CA ARG B 100 8.80 -19.60 23.22
C ARG B 100 7.95 -18.33 23.36
N TYR B 101 8.46 -17.17 22.91
CA TYR B 101 7.91 -15.86 23.31
C TYR B 101 7.13 -15.16 22.18
N ALA B 102 7.45 -15.46 20.93
CA ALA B 102 7.02 -14.64 19.81
C ALA B 102 7.03 -15.36 18.48
N LEU B 103 6.60 -14.65 17.42
CA LEU B 103 6.62 -15.14 16.06
C LEU B 103 7.96 -14.71 15.47
N ASP B 104 8.96 -15.58 15.59
CA ASP B 104 10.32 -15.14 15.39
C ASP B 104 10.82 -15.09 13.97
N TYR B 105 10.20 -15.85 13.06
CA TYR B 105 10.59 -15.89 11.62
C TYR B 105 9.31 -16.02 10.79
N TRP B 106 9.18 -15.17 9.76
CA TRP B 106 7.96 -15.11 8.97
C TRP B 106 8.18 -15.60 7.53
N GLY B 107 7.12 -16.19 6.96
CA GLY B 107 7.02 -16.37 5.53
C GLY B 107 6.97 -15.06 4.78
N GLN B 108 7.17 -15.13 3.48
CA GLN B 108 7.25 -13.92 2.65
C GLN B 108 5.88 -13.23 2.41
N GLY B 109 4.78 -13.92 2.75
CA GLY B 109 3.46 -13.41 2.51
C GLY B 109 2.92 -13.89 1.17
N THR B 110 1.60 -14.06 1.14
CA THR B 110 0.82 -14.35 -0.09
C THR B 110 -0.24 -13.27 -0.20
N SER B 111 -0.15 -12.47 -1.26
CA SER B 111 -1.09 -11.38 -1.52
C SER B 111 -2.32 -11.99 -2.17
N VAL B 112 -3.44 -11.95 -1.45
CA VAL B 112 -4.67 -12.59 -1.93
C VAL B 112 -5.69 -11.49 -2.25
N SER B 113 -6.15 -11.48 -3.50
CA SER B 113 -7.23 -10.64 -3.93
C SER B 113 -8.47 -11.50 -4.19
N VAL B 114 -9.62 -11.03 -3.71
CA VAL B 114 -10.89 -11.75 -3.87
C VAL B 114 -11.72 -10.96 -4.86
N SER B 115 -12.00 -11.54 -6.03
CA SER B 115 -12.70 -10.85 -7.10
C SER B 115 -13.21 -11.80 -8.14
N SER B 116 -14.39 -11.45 -8.65
CA SER B 116 -15.01 -12.15 -9.77
C SER B 116 -14.74 -11.46 -11.12
N ALA B 117 -13.92 -10.39 -11.14
CA ALA B 117 -13.64 -9.68 -12.37
C ALA B 117 -12.99 -10.60 -13.39
N SER B 118 -13.25 -10.34 -14.67
CA SER B 118 -12.56 -11.00 -15.76
C SER B 118 -11.27 -10.27 -16.11
N THR B 119 -10.25 -11.04 -16.50
CA THR B 119 -9.00 -10.51 -17.02
C THR B 119 -9.29 -9.57 -18.19
N LYS B 120 -8.75 -8.34 -18.09
CA LYS B 120 -9.01 -7.28 -19.04
C LYS B 120 -7.77 -6.39 -19.09
N GLY B 121 -7.25 -6.19 -20.31
CA GLY B 121 -6.19 -5.24 -20.53
C GLY B 121 -6.67 -3.78 -20.44
N PRO B 122 -5.74 -2.86 -20.18
CA PRO B 122 -6.11 -1.45 -20.01
C PRO B 122 -6.40 -0.70 -21.32
N SER B 123 -7.20 0.35 -21.21
CA SER B 123 -7.24 1.39 -22.20
C SER B 123 -6.24 2.46 -21.79
N VAL B 124 -5.40 2.87 -22.73
CA VAL B 124 -4.35 3.82 -22.47
C VAL B 124 -4.62 5.11 -23.24
N PHE B 125 -4.69 6.23 -22.50
CA PHE B 125 -4.99 7.53 -23.08
C PHE B 125 -3.91 8.54 -22.71
N PRO B 126 -3.56 9.49 -23.60
CA PRO B 126 -2.55 10.48 -23.28
C PRO B 126 -3.10 11.54 -22.31
N LEU B 127 -2.20 12.04 -21.45
CA LEU B 127 -2.41 13.23 -20.64
C LEU B 127 -1.52 14.31 -21.24
N ALA B 128 -2.12 15.14 -22.09
CA ALA B 128 -1.37 16.05 -22.93
C ALA B 128 -0.79 17.20 -22.13
N PRO B 129 0.45 17.65 -22.46
CA PRO B 129 0.98 18.82 -21.78
C PRO B 129 0.20 20.08 -22.15
N SER B 130 0.03 20.95 -21.15
CA SER B 130 -0.78 22.15 -21.25
C SER B 130 -0.15 23.11 -22.24
N SER B 131 -1.00 23.76 -23.04
CA SER B 131 -0.53 24.88 -23.89
C SER B 131 -0.06 26.10 -23.09
N LYS B 132 -0.41 26.13 -21.80
CA LYS B 132 -0.02 27.20 -20.89
C LYS B 132 1.23 26.86 -20.08
N SER B 133 1.90 25.74 -20.41
CA SER B 133 3.17 25.38 -19.78
C SER B 133 4.12 26.58 -19.82
N THR B 134 4.71 26.89 -18.66
CA THR B 134 5.55 28.05 -18.51
C THR B 134 6.71 28.04 -19.49
N SER B 135 6.89 29.14 -20.24
CA SER B 135 7.99 29.23 -21.20
C SER B 135 9.32 29.17 -20.41
N GLY B 136 10.21 28.25 -20.81
CA GLY B 136 11.47 28.01 -20.13
C GLY B 136 11.39 27.33 -18.77
N GLY B 137 10.19 26.87 -18.40
CA GLY B 137 9.93 26.24 -17.11
C GLY B 137 9.76 24.75 -17.24
N THR B 138 8.87 24.21 -16.40
CA THR B 138 8.66 22.78 -16.30
C THR B 138 7.25 22.46 -16.71
N ALA B 139 7.08 21.40 -17.50
CA ALA B 139 5.75 20.96 -17.92
C ALA B 139 5.52 19.54 -17.39
N ALA B 140 4.26 19.12 -17.36
CA ALA B 140 3.89 17.73 -16.99
C ALA B 140 3.10 17.13 -18.12
N LEU B 141 3.28 15.83 -18.32
CA LEU B 141 2.51 15.06 -19.24
C LEU B 141 2.41 13.65 -18.69
N GLY B 142 1.56 12.82 -19.31
CA GLY B 142 1.36 11.50 -18.78
C GLY B 142 0.51 10.59 -19.63
N CYS B 143 0.13 9.46 -19.03
CA CYS B 143 -0.78 8.51 -19.63
C CYS B 143 -1.69 7.98 -18.56
N LEU B 144 -2.99 7.93 -18.89
CA LEU B 144 -3.99 7.31 -18.09
C LEU B 144 -4.20 5.88 -18.53
N VAL B 145 -4.14 4.95 -17.57
CA VAL B 145 -4.14 3.49 -17.79
C VAL B 145 -5.41 2.98 -17.11
N LYS B 146 -6.48 2.85 -17.90
CA LYS B 146 -7.83 2.76 -17.38
C LYS B 146 -8.45 1.39 -17.50
N ASP B 147 -9.06 0.93 -16.41
CA ASP B 147 -9.99 -0.19 -16.37
C ASP B 147 -9.36 -1.50 -16.80
N TYR B 148 -8.41 -1.98 -16.00
CA TYR B 148 -7.72 -3.28 -16.25
C TYR B 148 -7.91 -4.20 -15.05
N PHE B 149 -7.66 -5.49 -15.26
CA PHE B 149 -7.71 -6.47 -14.20
C PHE B 149 -6.97 -7.73 -14.63
N PRO B 150 -6.19 -8.41 -13.76
CA PRO B 150 -5.82 -8.00 -12.40
C PRO B 150 -4.58 -7.10 -12.40
N GLU B 151 -4.12 -6.75 -11.19
CA GLU B 151 -2.78 -6.17 -11.06
C GLU B 151 -1.73 -7.20 -11.50
N PRO B 152 -0.49 -6.82 -11.87
CA PRO B 152 -0.07 -5.43 -12.02
C PRO B 152 0.03 -4.96 -13.48
N VAL B 153 0.27 -3.66 -13.65
CA VAL B 153 0.75 -3.12 -14.92
C VAL B 153 2.11 -2.52 -14.63
N THR B 154 2.95 -2.45 -15.65
CA THR B 154 4.15 -1.62 -15.61
C THR B 154 4.05 -0.54 -16.67
N VAL B 155 4.66 0.59 -16.36
CA VAL B 155 4.72 1.70 -17.29
C VAL B 155 6.14 2.18 -17.37
N SER B 156 6.62 2.33 -18.60
CA SER B 156 7.87 3.02 -18.89
C SER B 156 7.62 4.19 -19.84
N TRP B 157 8.63 5.06 -19.97
CA TRP B 157 8.60 6.22 -20.85
C TRP B 157 9.79 6.13 -21.81
N ASN B 158 9.50 6.29 -23.11
CA ASN B 158 10.51 6.25 -24.17
C ASN B 158 11.39 4.98 -24.03
N SER B 159 10.68 3.86 -23.86
CA SER B 159 11.28 2.53 -23.81
C SER B 159 12.26 2.36 -22.67
N GLY B 160 12.00 3.08 -21.57
CA GLY B 160 12.79 3.03 -20.36
C GLY B 160 13.97 4.00 -20.30
N ALA B 161 14.15 4.77 -21.38
CA ALA B 161 15.19 5.80 -21.47
C ALA B 161 14.90 6.96 -20.52
N LEU B 162 13.61 7.26 -20.33
CA LEU B 162 13.20 8.32 -19.45
C LEU B 162 12.68 7.82 -18.11
N THR B 163 13.42 8.11 -17.04
CA THR B 163 13.03 7.70 -15.69
C THR B 163 12.99 8.85 -14.70
N SER B 164 13.78 9.92 -14.94
CA SER B 164 13.79 11.07 -14.03
C SER B 164 12.43 11.77 -14.09
N GLY B 165 11.89 12.08 -12.92
CA GLY B 165 10.68 12.84 -12.79
C GLY B 165 9.42 12.07 -13.06
N VAL B 166 9.54 10.74 -13.21
CA VAL B 166 8.37 9.89 -13.43
C VAL B 166 7.71 9.56 -12.09
N HIS B 167 6.37 9.65 -12.07
CA HIS B 167 5.58 9.08 -10.99
C HIS B 167 4.49 8.23 -11.61
N THR B 168 4.56 6.92 -11.37
CA THR B 168 3.47 6.01 -11.70
C THR B 168 2.69 5.71 -10.44
N PHE B 169 1.46 6.22 -10.40
CA PHE B 169 0.63 6.16 -9.21
C PHE B 169 0.20 4.73 -8.87
N PRO B 170 0.06 4.42 -7.57
CA PRO B 170 -0.61 3.17 -7.18
C PRO B 170 -2.01 3.11 -7.82
N ALA B 171 -2.44 1.93 -8.25
CA ALA B 171 -3.74 1.78 -8.85
C ALA B 171 -4.82 2.01 -7.82
N VAL B 172 -5.99 2.43 -8.29
CA VAL B 172 -7.18 2.52 -7.46
C VAL B 172 -8.14 1.47 -7.99
N LEU B 173 -8.65 0.64 -7.05
CA LEU B 173 -9.66 -0.35 -7.30
C LEU B 173 -11.01 0.31 -7.31
N GLN B 174 -11.70 0.17 -8.42
CA GLN B 174 -13.04 0.70 -8.57
C GLN B 174 -14.10 -0.27 -8.10
N SER B 175 -15.31 0.25 -7.88
CA SER B 175 -16.47 -0.51 -7.50
C SER B 175 -16.75 -1.68 -8.48
N SER B 176 -16.40 -1.45 -9.74
CA SER B 176 -16.55 -2.41 -10.81
C SER B 176 -15.58 -3.60 -10.70
N GLY B 177 -14.62 -3.52 -9.78
CA GLY B 177 -13.56 -4.51 -9.67
C GLY B 177 -12.37 -4.31 -10.59
N LEU B 178 -12.41 -3.27 -11.42
CA LEU B 178 -11.31 -2.93 -12.30
C LEU B 178 -10.40 -1.89 -11.64
N TYR B 179 -9.16 -1.87 -12.10
CA TYR B 179 -8.11 -0.94 -11.62
C TYR B 179 -7.87 0.16 -12.64
N SER B 180 -7.47 1.33 -12.15
CA SER B 180 -6.99 2.39 -13.04
C SER B 180 -5.82 3.08 -12.35
N LEU B 181 -4.91 3.62 -13.16
CA LEU B 181 -3.84 4.49 -12.65
C LEU B 181 -3.43 5.48 -13.70
N SER B 182 -2.68 6.51 -13.29
CA SER B 182 -1.94 7.33 -14.25
C SER B 182 -0.44 7.25 -13.99
N SER B 183 0.34 7.48 -15.04
CA SER B 183 1.77 7.71 -14.92
C SER B 183 2.03 9.08 -15.50
N VAL B 184 2.77 9.87 -14.73
CA VAL B 184 3.12 11.21 -15.16
C VAL B 184 4.63 11.45 -15.13
N VAL B 185 5.05 12.48 -15.86
CA VAL B 185 6.46 12.86 -15.89
C VAL B 185 6.54 14.37 -16.09
N THR B 186 7.50 15.00 -15.39
CA THR B 186 7.77 16.42 -15.57
C THR B 186 9.04 16.50 -16.41
N VAL B 187 8.99 17.42 -17.38
CA VAL B 187 10.01 17.60 -18.38
C VAL B 187 10.17 19.09 -18.62
N PRO B 188 11.28 19.54 -19.24
CA PRO B 188 11.41 20.95 -19.59
C PRO B 188 10.35 21.36 -20.62
N SER B 189 9.70 22.49 -20.38
CA SER B 189 8.76 23.02 -21.33
C SER B 189 9.44 23.19 -22.69
N SER B 190 10.72 23.53 -22.68
CA SER B 190 11.52 23.71 -23.89
C SER B 190 11.61 22.47 -24.77
N SER B 191 11.36 21.30 -24.19
CA SER B 191 11.44 20.03 -24.90
C SER B 191 10.12 19.67 -25.60
N LEU B 192 9.03 20.37 -25.27
CA LEU B 192 7.72 20.05 -25.83
C LEU B 192 7.71 20.30 -27.33
N GLY B 193 7.20 19.31 -28.08
CA GLY B 193 7.15 19.41 -29.54
C GLY B 193 8.47 19.27 -30.32
N THR B 194 9.60 19.06 -29.61
CA THR B 194 10.86 18.64 -30.21
C THR B 194 11.19 17.20 -29.77
N GLN B 195 11.08 16.90 -28.47
CA GLN B 195 11.33 15.55 -27.94
C GLN B 195 10.03 14.78 -27.98
N THR B 196 10.05 13.57 -28.57
CA THR B 196 8.92 12.66 -28.53
C THR B 196 8.78 12.01 -27.15
N TYR B 197 7.55 11.93 -26.66
CA TYR B 197 7.19 11.26 -25.38
C TYR B 197 6.18 10.14 -25.67
N ILE B 198 6.55 8.91 -25.33
CA ILE B 198 5.71 7.74 -25.54
C ILE B 198 5.70 6.94 -24.24
N CYS B 199 4.50 6.63 -23.74
CA CYS B 199 4.42 5.73 -22.60
C CYS B 199 4.25 4.31 -23.11
N ASN B 200 4.92 3.37 -22.45
CA ASN B 200 4.93 1.98 -22.85
C ASN B 200 4.27 1.22 -21.72
N VAL B 201 3.06 0.71 -21.97
CA VAL B 201 2.29 0.05 -20.92
C VAL B 201 2.29 -1.45 -21.17
N ASN B 202 2.63 -2.23 -20.13
CA ASN B 202 2.64 -3.70 -20.16
C ASN B 202 1.70 -4.25 -19.08
N HIS B 203 0.71 -5.03 -19.52
CA HIS B 203 -0.13 -5.77 -18.60
C HIS B 203 0.12 -7.25 -18.86
N LYS B 204 1.09 -7.84 -18.14
CA LYS B 204 1.50 -9.24 -18.37
C LYS B 204 0.33 -10.21 -18.22
N PRO B 205 -0.59 -10.04 -17.24
CA PRO B 205 -1.71 -10.98 -17.08
C PRO B 205 -2.60 -11.11 -18.33
N SER B 206 -2.74 -10.04 -19.11
CA SER B 206 -3.53 -10.10 -20.35
C SER B 206 -2.67 -10.17 -21.62
N ASN B 207 -1.34 -10.30 -21.43
CA ASN B 207 -0.37 -10.26 -22.55
C ASN B 207 -0.59 -9.02 -23.43
N THR B 208 -0.73 -7.86 -22.77
CA THR B 208 -1.06 -6.59 -23.46
C THR B 208 0.06 -5.60 -23.33
N LYS B 209 0.51 -5.07 -24.47
CA LYS B 209 1.50 -4.01 -24.56
C LYS B 209 0.91 -2.93 -25.45
N VAL B 210 0.90 -1.70 -24.94
CA VAL B 210 0.45 -0.54 -25.67
C VAL B 210 1.52 0.51 -25.59
N ASP B 211 1.81 1.15 -26.73
CA ASP B 211 2.66 2.32 -26.78
C ASP B 211 1.79 3.50 -27.21
N LYS B 212 1.78 4.56 -26.41
CA LYS B 212 0.96 5.73 -26.67
C LYS B 212 1.83 6.98 -26.72
N LYS B 213 1.83 7.63 -27.89
CA LYS B 213 2.48 8.90 -28.09
C LYS B 213 1.67 10.00 -27.41
N VAL B 214 2.36 10.86 -26.65
CA VAL B 214 1.71 11.94 -25.93
C VAL B 214 2.13 13.24 -26.59
N GLU B 215 1.18 13.88 -27.28
CA GLU B 215 1.42 15.11 -28.02
C GLU B 215 0.80 16.34 -27.37
N PRO B 216 1.39 17.55 -27.52
CA PRO B 216 0.77 18.78 -27.04
C PRO B 216 -0.63 19.06 -27.61
N LYS B 217 -1.48 19.72 -26.83
CA LYS B 217 -2.83 20.13 -27.24
C LYS B 217 -2.86 21.64 -27.13
N SER B 218 -4.01 22.24 -27.47
CA SER B 218 -4.15 23.69 -27.55
C SER B 218 -4.80 24.34 -26.35
N CYS B 219 -5.10 23.57 -25.31
CA CYS B 219 -5.72 24.10 -24.09
C CYS B 219 -4.83 23.87 -22.88
N ASP C 1 -10.74 -10.96 24.48
CA ASP C 1 -9.41 -10.66 23.89
C ASP C 1 -8.82 -9.49 24.67
N ILE C 2 -7.49 -9.41 24.69
CA ILE C 2 -6.78 -8.24 25.17
C ILE C 2 -6.62 -7.29 23.98
N GLN C 3 -7.23 -6.11 24.06
CA GLN C 3 -7.15 -5.11 22.99
C GLN C 3 -5.83 -4.35 23.11
N MET C 4 -5.11 -4.24 21.99
CA MET C 4 -3.85 -3.53 21.85
C MET C 4 -4.07 -2.26 21.02
N THR C 5 -3.59 -1.12 21.54
CA THR C 5 -3.79 0.16 20.90
C THR C 5 -2.43 0.86 20.71
N GLN C 6 -2.18 1.29 19.47
CA GLN C 6 -1.10 2.16 19.09
C GLN C 6 -1.79 3.45 18.67
N THR C 7 -1.82 4.38 19.60
CA THR C 7 -2.54 5.65 19.50
C THR C 7 -2.09 6.54 18.34
N THR C 8 -0.86 6.35 17.86
CA THR C 8 -0.36 7.11 16.73
C THR C 8 -0.23 6.16 15.54
N SER C 9 -0.92 6.46 14.45
CA SER C 9 -0.92 5.66 13.21
C SER C 9 0.28 5.98 12.33
N SER C 10 0.79 7.22 12.47
CA SER C 10 1.84 7.72 11.64
C SER C 10 2.78 8.63 12.46
N LEU C 11 4.09 8.51 12.23
CA LEU C 11 5.08 9.39 12.88
C LEU C 11 6.08 9.84 11.84
N SER C 12 6.45 11.13 11.88
CA SER C 12 7.40 11.75 10.98
C SER C 12 8.66 12.01 11.77
N ALA C 13 9.81 11.63 11.20
CA ALA C 13 11.11 11.89 11.83
C ALA C 13 12.21 12.02 10.79
N SER C 14 13.33 12.65 11.18
CA SER C 14 14.49 12.81 10.31
C SER C 14 15.47 11.70 10.62
N LEU C 15 16.26 11.32 9.63
CA LEU C 15 17.35 10.38 9.84
C LEU C 15 18.26 10.91 10.96
N GLY C 16 18.60 10.03 11.91
CA GLY C 16 19.37 10.37 13.09
C GLY C 16 18.55 10.66 14.34
N ASP C 17 17.26 10.93 14.18
CA ASP C 17 16.38 11.21 15.30
C ASP C 17 16.15 9.98 16.16
N ARG C 18 15.87 10.21 17.44
CA ARG C 18 15.36 9.20 18.39
C ARG C 18 13.84 9.09 18.16
N VAL C 19 13.32 7.89 17.94
CA VAL C 19 11.91 7.71 17.56
C VAL C 19 11.32 6.75 18.55
N THR C 20 10.20 7.13 19.18
CA THR C 20 9.53 6.28 20.15
C THR C 20 8.08 6.03 19.71
N ILE C 21 7.73 4.74 19.65
CA ILE C 21 6.42 4.22 19.26
C ILE C 21 5.77 3.57 20.46
N SER C 22 4.58 4.05 20.83
CA SER C 22 3.85 3.58 22.02
C SER C 22 2.79 2.52 21.72
N CYS C 23 2.56 1.67 22.71
CA CYS C 23 1.59 0.59 22.63
C CYS C 23 0.95 0.47 24.01
N ARG C 24 -0.37 0.31 24.07
CA ARG C 24 -1.11 0.05 25.33
C ARG C 24 -1.96 -1.22 25.21
N ALA C 25 -1.96 -2.04 26.27
CA ALA C 25 -2.84 -3.18 26.45
C ALA C 25 -4.03 -2.83 27.31
N SER C 26 -5.16 -3.47 27.05
CA SER C 26 -6.38 -3.26 27.82
C SER C 26 -6.36 -3.79 29.26
N GLN C 27 -5.41 -4.68 29.55
CA GLN C 27 -5.12 -5.18 30.87
C GLN C 27 -3.63 -5.48 30.98
N ASP C 28 -3.19 -5.70 32.23
CA ASP C 28 -1.78 -5.97 32.51
C ASP C 28 -1.35 -7.20 31.73
N ILE C 29 -0.25 -7.08 30.99
CA ILE C 29 0.29 -8.17 30.19
C ILE C 29 1.63 -8.69 30.67
N SER C 30 2.07 -8.22 31.86
CA SER C 30 3.22 -8.80 32.55
C SER C 30 4.45 -8.90 31.64
N ASN C 31 4.67 -7.86 30.85
CA ASN C 31 5.86 -7.70 30.02
C ASN C 31 5.95 -8.62 28.80
N TYR C 32 4.90 -9.41 28.54
CA TYR C 32 4.87 -10.32 27.36
C TYR C 32 4.39 -9.50 26.16
N LEU C 33 5.28 -8.68 25.62
CA LEU C 33 4.94 -7.74 24.58
C LEU C 33 6.04 -7.80 23.54
N ASN C 34 5.65 -8.04 22.28
CA ASN C 34 6.56 -8.20 21.16
C ASN C 34 6.34 -7.09 20.14
N TRP C 35 7.38 -6.80 19.36
CA TRP C 35 7.35 -5.79 18.31
C TRP C 35 7.79 -6.38 16.99
N TYR C 36 7.04 -6.07 15.95
CA TYR C 36 7.28 -6.51 14.57
C TYR C 36 7.45 -5.32 13.62
N GLN C 37 8.25 -5.50 12.58
CA GLN C 37 8.45 -4.53 11.53
C GLN C 37 7.99 -5.12 10.22
N GLN C 38 7.09 -4.40 9.54
CA GLN C 38 6.66 -4.72 8.18
C GLN C 38 7.18 -3.68 7.25
N LYS C 39 8.03 -4.10 6.31
CA LYS C 39 8.62 -3.21 5.35
C LYS C 39 7.64 -2.95 4.21
N PRO C 40 7.86 -1.89 3.41
CA PRO C 40 6.98 -1.59 2.28
C PRO C 40 6.79 -2.76 1.30
N ASP C 41 7.78 -3.65 1.17
CA ASP C 41 7.66 -4.81 0.28
C ASP C 41 6.87 -5.99 0.87
N GLY C 42 6.32 -5.78 2.08
CA GLY C 42 5.49 -6.74 2.79
C GLY C 42 6.23 -7.72 3.69
N THR C 43 7.56 -7.71 3.66
CA THR C 43 8.32 -8.60 4.55
C THR C 43 8.21 -8.15 6.01
N VAL C 44 8.08 -9.14 6.91
CA VAL C 44 7.92 -8.92 8.32
C VAL C 44 9.04 -9.60 9.07
N LYS C 45 9.55 -8.90 10.09
CA LYS C 45 10.56 -9.45 11.01
C LYS C 45 10.17 -9.12 12.44
N LEU C 46 10.52 -10.03 13.34
CA LEU C 46 10.49 -9.78 14.75
C LEU C 46 11.68 -8.87 15.10
N LEU C 47 11.41 -7.81 15.88
CA LEU C 47 12.49 -6.94 16.37
C LEU C 47 12.82 -7.23 17.83
N ILE C 48 11.80 -7.16 18.68
CA ILE C 48 11.94 -7.21 20.12
C ILE C 48 10.89 -8.16 20.66
N TYR C 49 11.26 -8.96 21.66
CA TYR C 49 10.32 -9.86 22.37
C TYR C 49 10.45 -9.66 23.87
N TYR C 50 9.40 -9.98 24.61
CA TYR C 50 9.42 -9.94 26.09
C TYR C 50 9.89 -8.55 26.51
N THR C 51 9.23 -7.53 25.93
CA THR C 51 9.42 -6.10 26.14
C THR C 51 10.71 -5.50 25.60
N SER C 52 11.87 -6.14 25.90
CA SER C 52 13.16 -5.52 25.70
C SER C 52 14.22 -6.39 25.03
N ARG C 53 13.91 -7.69 24.81
CA ARG C 53 14.94 -8.61 24.27
C ARG C 53 15.04 -8.45 22.76
N LEU C 54 16.25 -8.22 22.25
CA LEU C 54 16.47 -8.13 20.83
C LEU C 54 16.46 -9.52 20.19
N HIS C 55 15.72 -9.65 19.10
CA HIS C 55 15.78 -10.84 18.26
C HIS C 55 17.12 -10.89 17.52
N SER C 56 17.61 -12.12 17.31
CA SER C 56 18.85 -12.37 16.58
C SER C 56 18.95 -11.57 15.29
N GLY C 57 20.06 -10.85 15.14
CA GLY C 57 20.33 -10.05 13.95
C GLY C 57 19.81 -8.62 13.91
N VAL C 58 18.97 -8.26 14.88
CA VAL C 58 18.37 -6.97 14.96
C VAL C 58 19.40 -5.98 15.51
N PRO C 59 19.59 -4.81 14.85
CA PRO C 59 20.49 -3.78 15.36
C PRO C 59 20.13 -3.30 16.78
N SER C 60 21.15 -3.07 17.61
CA SER C 60 20.98 -2.62 18.98
C SER C 60 20.50 -1.14 19.08
N ARG C 61 20.33 -0.45 17.96
CA ARG C 61 19.59 0.85 17.93
C ARG C 61 18.10 0.67 18.26
N PHE C 62 17.57 -0.55 18.17
CA PHE C 62 16.24 -0.85 18.67
C PHE C 62 16.30 -1.24 20.13
N SER C 63 15.40 -0.65 20.92
CA SER C 63 15.21 -1.06 22.31
C SER C 63 13.75 -0.96 22.66
N GLY C 64 13.37 -1.62 23.73
CA GLY C 64 12.03 -1.58 24.24
C GLY C 64 11.92 -1.46 25.73
N SER C 65 10.87 -0.77 26.17
CA SER C 65 10.63 -0.53 27.60
C SER C 65 9.18 -0.60 27.91
N GLY C 66 8.84 -0.80 29.19
CA GLY C 66 7.48 -0.78 29.67
C GLY C 66 7.21 -1.84 30.69
N SER C 67 5.96 -1.89 31.15
CA SER C 67 5.45 -2.82 32.12
C SER C 67 3.98 -2.56 32.29
N GLY C 68 3.29 -3.48 32.96
CA GLY C 68 1.86 -3.36 33.18
C GLY C 68 1.11 -3.34 31.87
N THR C 69 0.47 -2.20 31.61
CA THR C 69 -0.27 -1.99 30.36
C THR C 69 0.43 -1.17 29.29
N ASP C 70 1.56 -0.52 29.61
CA ASP C 70 2.13 0.48 28.71
C ASP C 70 3.54 0.17 28.30
N TYR C 71 3.78 0.19 26.99
CA TYR C 71 5.05 -0.27 26.37
C TYR C 71 5.46 0.69 25.26
N SER C 72 6.74 0.67 24.91
CA SER C 72 7.25 1.47 23.82
C SER C 72 8.43 0.78 23.18
N LEU C 73 8.62 1.10 21.90
CA LEU C 73 9.76 0.75 21.09
C LEU C 73 10.48 2.02 20.73
N THR C 74 11.79 2.05 20.96
CA THR C 74 12.61 3.19 20.64
C THR C 74 13.66 2.82 19.63
N ILE C 75 13.79 3.65 18.61
CA ILE C 75 14.90 3.58 17.70
C ILE C 75 15.82 4.74 18.03
N SER C 76 17.04 4.43 18.49
CA SER C 76 17.96 5.46 19.11
C SER C 76 18.48 6.54 18.14
N ASN C 77 18.82 6.12 16.91
CA ASN C 77 19.30 6.98 15.79
C ASN C 77 18.66 6.37 14.50
N LEU C 78 17.64 7.03 13.92
CA LEU C 78 16.85 6.51 12.78
C LEU C 78 17.66 6.38 11.49
N GLU C 79 17.54 5.23 10.82
CA GLU C 79 18.15 4.95 9.51
C GLU C 79 17.08 4.69 8.43
N GLN C 80 17.49 4.85 7.17
CA GLN C 80 16.58 4.74 6.05
C GLN C 80 15.85 3.40 6.03
N GLU C 81 16.58 2.34 6.38
CA GLU C 81 16.05 1.00 6.35
C GLU C 81 14.98 0.78 7.42
N ASP C 82 14.92 1.66 8.43
CA ASP C 82 13.85 1.65 9.45
C ASP C 82 12.47 2.24 9.02
N ILE C 83 12.41 2.80 7.81
CA ILE C 83 11.17 3.38 7.33
C ILE C 83 10.28 2.18 6.93
N ALA C 84 9.21 1.99 7.73
CA ALA C 84 8.47 0.76 7.82
C ALA C 84 7.29 0.99 8.75
N THR C 85 6.49 -0.06 8.92
CA THR C 85 5.35 -0.05 9.81
C THR C 85 5.62 -0.99 10.96
N TYR C 86 5.32 -0.53 12.17
CA TYR C 86 5.64 -1.25 13.43
C TYR C 86 4.38 -1.66 14.17
N PHE C 87 4.31 -2.92 14.60
CA PHE C 87 3.17 -3.46 15.29
C PHE C 87 3.61 -4.07 16.60
N CYS C 88 2.87 -3.82 17.68
CA CYS C 88 3.04 -4.53 18.91
C CYS C 88 2.09 -5.72 18.97
N GLN C 89 2.40 -6.68 19.85
CA GLN C 89 1.61 -7.90 20.01
C GLN C 89 1.76 -8.38 21.45
N GLN C 90 0.64 -8.62 22.13
CA GLN C 90 0.70 -9.21 23.44
C GLN C 90 0.78 -10.75 23.35
N GLY C 91 1.64 -11.28 24.21
CA GLY C 91 1.98 -12.68 24.34
C GLY C 91 1.57 -13.25 25.69
N ASN C 92 0.61 -12.59 26.35
CA ASN C 92 0.19 -12.95 27.72
C ASN C 92 -0.95 -13.95 27.79
N THR C 93 -2.01 -13.73 26.99
CA THR C 93 -3.23 -14.53 27.05
C THR C 93 -3.74 -14.80 25.64
N LEU C 94 -4.12 -16.05 25.38
CA LEU C 94 -4.68 -16.40 24.10
C LEU C 94 -6.04 -15.73 23.95
N PRO C 95 -6.42 -15.30 22.73
CA PRO C 95 -5.57 -15.40 21.55
C PRO C 95 -4.57 -14.26 21.38
N PRO C 96 -3.53 -14.46 20.56
CA PRO C 96 -2.58 -13.39 20.25
C PRO C 96 -3.32 -12.20 19.62
N THR C 97 -3.02 -10.99 20.10
CA THR C 97 -3.59 -9.79 19.53
C THR C 97 -2.52 -8.75 19.28
N PHE C 98 -2.77 -7.97 18.23
CA PHE C 98 -1.84 -6.95 17.70
C PHE C 98 -2.43 -5.56 17.77
N GLY C 99 -1.54 -4.57 17.94
CA GLY C 99 -1.88 -3.19 17.76
C GLY C 99 -2.13 -2.88 16.30
N GLY C 100 -2.64 -1.68 16.06
CA GLY C 100 -3.05 -1.23 14.73
C GLY C 100 -1.94 -0.80 13.81
N GLY C 101 -0.72 -0.67 14.35
CA GLY C 101 0.44 -0.31 13.57
C GLY C 101 0.75 1.18 13.64
N THR C 102 2.03 1.52 13.51
CA THR C 102 2.53 2.88 13.40
C THR C 102 3.53 2.92 12.25
N LYS C 103 3.20 3.71 11.21
CA LYS C 103 4.00 3.86 10.01
C LYS C 103 4.91 5.04 10.23
N LEU C 104 6.20 4.87 9.94
CA LEU C 104 7.16 5.97 9.92
C LEU C 104 7.28 6.56 8.52
N GLU C 105 7.46 7.88 8.47
CA GLU C 105 7.84 8.60 7.27
C GLU C 105 8.90 9.63 7.62
N ILE C 106 9.59 10.10 6.59
CA ILE C 106 10.67 11.07 6.75
C ILE C 106 10.11 12.48 6.83
N LYS C 107 10.51 13.23 7.87
CA LYS C 107 10.14 14.61 8.01
C LYS C 107 11.15 15.40 7.18
N ARG C 108 10.64 16.38 6.45
CA ARG C 108 11.44 17.35 5.66
C ARG C 108 10.75 18.71 5.68
N THR C 109 11.37 19.71 5.05
CA THR C 109 10.81 21.05 5.02
C THR C 109 9.58 21.08 4.12
N VAL C 110 8.73 22.08 4.33
CA VAL C 110 7.54 22.23 3.54
C VAL C 110 7.93 22.40 2.06
N ALA C 111 7.14 21.76 1.20
CA ALA C 111 7.25 21.92 -0.24
C ALA C 111 5.85 22.00 -0.80
N ALA C 112 5.50 23.15 -1.39
CA ALA C 112 4.19 23.35 -2.00
C ALA C 112 4.09 22.50 -3.26
N PRO C 113 2.89 21.97 -3.57
CA PRO C 113 2.73 21.20 -4.81
C PRO C 113 2.80 22.08 -6.05
N SER C 114 3.36 21.50 -7.12
CA SER C 114 3.19 21.99 -8.48
C SER C 114 1.91 21.34 -9.03
N VAL C 115 0.96 22.17 -9.47
CA VAL C 115 -0.39 21.70 -9.81
C VAL C 115 -0.57 21.75 -11.32
N PHE C 116 -1.13 20.67 -11.86
CA PHE C 116 -1.35 20.52 -13.31
C PHE C 116 -2.74 19.89 -13.52
N ILE C 117 -3.47 20.37 -14.53
CA ILE C 117 -4.77 19.79 -14.89
C ILE C 117 -4.67 19.27 -16.36
N PHE C 118 -5.32 18.12 -16.60
CA PHE C 118 -5.33 17.50 -17.89
C PHE C 118 -6.75 17.27 -18.37
N PRO C 119 -7.06 17.66 -19.62
CA PRO C 119 -8.35 17.34 -20.25
C PRO C 119 -8.38 15.89 -20.70
N PRO C 120 -9.60 15.37 -20.98
CA PRO C 120 -9.77 14.08 -21.64
C PRO C 120 -9.16 14.13 -23.04
N SER C 121 -8.67 12.97 -23.48
CA SER C 121 -8.14 12.80 -24.81
C SER C 121 -9.32 12.65 -25.77
N ASP C 122 -9.05 13.00 -27.02
CA ASP C 122 -10.02 12.80 -28.08
C ASP C 122 -10.33 11.31 -28.23
N GLU C 123 -9.31 10.46 -28.04
CA GLU C 123 -9.53 9.01 -28.09
C GLU C 123 -10.57 8.56 -27.09
N GLN C 124 -10.43 9.02 -25.83
CA GLN C 124 -11.35 8.61 -24.81
C GLN C 124 -12.76 9.12 -25.12
N LEU C 125 -12.86 10.38 -25.57
CA LEU C 125 -14.15 10.98 -25.85
C LEU C 125 -14.90 10.18 -26.92
N LYS C 126 -14.18 9.69 -27.93
CA LYS C 126 -14.76 8.87 -29.01
C LYS C 126 -15.41 7.61 -28.46
N SER C 127 -14.87 7.10 -27.35
CA SER C 127 -15.39 5.90 -26.69
C SER C 127 -16.60 6.17 -25.79
N GLY C 128 -16.86 7.46 -25.50
CA GLY C 128 -18.07 7.92 -24.81
C GLY C 128 -17.91 8.38 -23.37
N THR C 129 -16.66 8.50 -22.90
CA THR C 129 -16.42 8.97 -21.53
C THR C 129 -15.30 10.01 -21.55
N ALA C 130 -15.14 10.69 -20.41
CA ALA C 130 -14.18 11.77 -20.30
C ALA C 130 -13.63 11.76 -18.88
N SER C 131 -12.33 11.48 -18.77
CA SER C 131 -11.61 11.59 -17.52
C SER C 131 -10.83 12.89 -17.51
N VAL C 132 -10.96 13.65 -16.42
CA VAL C 132 -10.14 14.84 -16.18
C VAL C 132 -9.22 14.50 -15.00
N VAL C 133 -7.94 14.85 -15.13
CA VAL C 133 -6.94 14.49 -14.12
C VAL C 133 -6.26 15.75 -13.56
N CYS C 134 -6.16 15.81 -12.23
CA CYS C 134 -5.43 16.88 -11.54
C CYS C 134 -4.23 16.21 -10.83
N LEU C 135 -3.03 16.76 -11.09
CA LEU C 135 -1.80 16.30 -10.51
C LEU C 135 -1.24 17.35 -9.55
N LEU C 136 -0.90 16.91 -8.35
CA LEU C 136 -0.17 17.67 -7.35
C LEU C 136 1.17 17.01 -7.22
N ASN C 137 2.22 17.71 -7.64
CA ASN C 137 3.53 17.11 -7.78
C ASN C 137 4.53 17.56 -6.76
N ASN C 138 5.18 16.58 -6.13
CA ASN C 138 6.39 16.80 -5.31
C ASN C 138 6.16 17.76 -4.16
N PHE C 139 5.27 17.41 -3.24
CA PHE C 139 4.93 18.25 -2.14
C PHE C 139 5.19 17.57 -0.80
N TYR C 140 5.18 18.36 0.26
CA TYR C 140 5.36 17.88 1.65
C TYR C 140 4.76 18.92 2.58
N PRO C 141 3.94 18.59 3.60
CA PRO C 141 3.61 17.21 4.01
C PRO C 141 2.55 16.54 3.12
N ARG C 142 2.23 15.29 3.43
CA ARG C 142 1.36 14.42 2.58
C ARG C 142 -0.09 14.94 2.51
N GLU C 143 -0.57 15.62 3.54
CA GLU C 143 -1.96 16.03 3.57
C GLU C 143 -2.22 17.13 2.56
N ALA C 144 -3.28 16.94 1.76
CA ALA C 144 -3.64 17.93 0.78
C ALA C 144 -5.12 17.80 0.51
N LYS C 145 -5.75 18.90 0.09
CA LYS C 145 -7.16 18.89 -0.31
C LYS C 145 -7.32 19.36 -1.77
N VAL C 146 -8.05 18.56 -2.54
CA VAL C 146 -8.32 18.83 -3.93
C VAL C 146 -9.83 18.93 -4.11
N GLN C 147 -10.27 20.03 -4.74
CA GLN C 147 -11.66 20.24 -5.04
C GLN C 147 -11.81 20.45 -6.55
N TRP C 148 -12.80 19.74 -7.14
CA TRP C 148 -13.16 19.91 -8.53
C TRP C 148 -14.23 20.95 -8.68
N LYS C 149 -14.02 21.88 -9.64
CA LYS C 149 -15.01 22.85 -10.02
C LYS C 149 -15.20 22.87 -11.52
N VAL C 150 -16.46 22.96 -11.93
CA VAL C 150 -16.79 23.12 -13.33
C VAL C 150 -17.53 24.44 -13.51
N ASP C 151 -17.02 25.31 -14.39
CA ASP C 151 -17.52 26.67 -14.52
C ASP C 151 -17.57 27.40 -13.19
N ASN C 152 -16.50 27.24 -12.41
CA ASN C 152 -16.30 27.90 -11.12
C ASN C 152 -17.23 27.47 -9.97
N ALA C 153 -17.83 26.28 -10.09
CA ALA C 153 -18.68 25.67 -9.03
C ALA C 153 -18.28 24.21 -8.67
N LEU C 154 -18.58 23.76 -7.43
CA LEU C 154 -18.25 22.37 -6.87
C LEU C 154 -18.87 20.99 -7.42
N GLN C 155 -18.68 19.90 -6.66
CA GLN C 155 -18.72 18.47 -7.09
C GLN C 155 -18.37 17.54 -5.95
N SER C 156 -19.11 16.42 -5.83
CA SER C 156 -18.83 15.34 -4.88
C SER C 156 -19.25 13.98 -5.43
N GLY C 157 -18.64 12.94 -4.85
CA GLY C 157 -19.05 11.57 -4.96
C GLY C 157 -18.65 10.97 -6.28
N ASN C 158 -17.72 11.64 -6.97
CA ASN C 158 -17.42 11.30 -8.32
C ASN C 158 -15.98 11.37 -8.80
N SER C 159 -15.06 11.40 -7.85
CA SER C 159 -13.65 11.40 -8.18
C SER C 159 -12.91 10.42 -7.30
N GLN C 160 -11.71 10.07 -7.73
CA GLN C 160 -10.82 9.22 -6.95
C GLN C 160 -9.42 9.75 -6.92
N GLU C 161 -8.77 9.48 -5.78
CA GLU C 161 -7.42 9.96 -5.51
C GLU C 161 -6.45 8.81 -5.36
N SER C 162 -5.20 9.08 -5.72
CA SER C 162 -4.10 8.18 -5.46
C SER C 162 -2.91 9.01 -5.02
N VAL C 163 -2.15 8.48 -4.06
CA VAL C 163 -0.97 9.14 -3.54
C VAL C 163 0.22 8.21 -3.66
N THR C 164 1.35 8.73 -4.12
CA THR C 164 2.57 7.94 -4.23
C THR C 164 3.15 7.67 -2.81
N GLU C 165 3.99 6.64 -2.72
CA GLU C 165 4.81 6.48 -1.53
C GLU C 165 5.88 7.59 -1.54
N GLN C 166 6.36 7.93 -0.35
CA GLN C 166 7.33 8.99 -0.19
C GLN C 166 8.55 8.74 -1.08
N ASP C 167 8.99 9.80 -1.78
CA ASP C 167 10.12 9.67 -2.70
C ASP C 167 11.41 9.39 -1.94
N SER C 168 12.17 8.41 -2.42
CA SER C 168 13.40 8.02 -1.76
C SER C 168 14.50 9.11 -1.80
N LYS C 169 14.48 9.97 -2.81
CA LYS C 169 15.52 11.00 -3.01
C LYS C 169 15.18 12.33 -2.32
N ASP C 170 13.94 12.79 -2.48
CA ASP C 170 13.56 14.11 -1.97
C ASP C 170 12.48 14.13 -0.88
N SER C 171 11.99 12.95 -0.47
CA SER C 171 11.05 12.83 0.62
C SER C 171 9.70 13.54 0.40
N THR C 172 9.38 13.79 -0.88
CA THR C 172 8.07 14.31 -1.22
C THR C 172 7.06 13.24 -1.63
N TYR C 173 5.83 13.70 -1.73
CA TYR C 173 4.67 12.94 -2.25
C TYR C 173 4.14 13.59 -3.52
N SER C 174 3.42 12.82 -4.31
CA SER C 174 2.61 13.32 -5.38
C SER C 174 1.24 12.68 -5.30
N LEU C 175 0.23 13.36 -5.86
CA LEU C 175 -1.15 12.97 -5.72
C LEU C 175 -1.86 13.20 -7.04
N SER C 176 -2.70 12.25 -7.43
CA SER C 176 -3.65 12.45 -8.54
C SER C 176 -5.07 12.43 -8.05
N SER C 177 -5.90 13.24 -8.70
CA SER C 177 -7.34 13.16 -8.57
C SER C 177 -7.92 13.02 -9.97
N THR C 178 -8.82 12.04 -10.13
CA THR C 178 -9.41 11.75 -11.42
C THR C 178 -10.92 11.84 -11.35
N LEU C 179 -11.50 12.70 -12.20
CA LEU C 179 -12.95 12.88 -12.31
C LEU C 179 -13.38 12.31 -13.64
N THR C 180 -14.24 11.26 -13.60
CA THR C 180 -14.69 10.67 -14.84
C THR C 180 -16.18 10.91 -15.05
N LEU C 181 -16.51 11.47 -16.22
CA LEU C 181 -17.87 11.78 -16.64
C LEU C 181 -18.21 11.05 -17.92
N SER C 182 -19.50 10.88 -18.20
CA SER C 182 -19.90 10.55 -19.58
C SER C 182 -19.46 11.70 -20.51
N LYS C 183 -19.26 11.40 -21.81
CA LYS C 183 -19.00 12.44 -22.80
C LYS C 183 -20.13 13.48 -22.78
N ALA C 184 -21.39 13.03 -22.72
CA ALA C 184 -22.51 13.97 -22.68
C ALA C 184 -22.36 14.97 -21.55
N ASP C 185 -22.02 14.48 -20.35
CA ASP C 185 -21.88 15.35 -19.19
C ASP C 185 -20.69 16.28 -19.31
N TYR C 186 -19.58 15.75 -19.79
CA TYR C 186 -18.37 16.56 -20.06
C TYR C 186 -18.75 17.75 -20.94
N GLU C 187 -19.61 17.51 -21.94
CA GLU C 187 -19.91 18.56 -22.93
C GLU C 187 -20.89 19.62 -22.44
N LYS C 188 -21.40 19.45 -21.22
CA LYS C 188 -22.26 20.46 -20.59
C LYS C 188 -21.58 21.67 -19.92
N HIS C 189 -20.26 21.61 -19.68
CA HIS C 189 -19.49 22.67 -19.02
C HIS C 189 -18.33 23.16 -19.86
N LYS C 190 -17.94 24.43 -19.69
CA LYS C 190 -16.86 25.06 -20.49
C LYS C 190 -15.48 24.97 -19.81
N VAL C 191 -15.44 25.38 -18.53
CA VAL C 191 -14.21 25.47 -17.76
C VAL C 191 -14.15 24.37 -16.67
N TYR C 192 -13.07 23.61 -16.71
CA TYR C 192 -12.78 22.56 -15.71
C TYR C 192 -11.63 23.07 -14.84
N ALA C 193 -11.76 22.92 -13.53
CA ALA C 193 -10.75 23.42 -12.62
C ALA C 193 -10.54 22.47 -11.45
N CYS C 194 -9.28 22.40 -11.02
CA CYS C 194 -8.82 21.76 -9.83
C CYS C 194 -8.33 22.84 -8.85
N GLU C 195 -8.88 22.87 -7.63
CA GLU C 195 -8.48 23.79 -6.56
C GLU C 195 -7.80 23.05 -5.41
N VAL C 196 -6.57 23.45 -5.12
CA VAL C 196 -5.68 22.77 -4.18
C VAL C 196 -5.37 23.63 -2.97
N THR C 197 -5.53 23.03 -1.80
CA THR C 197 -5.22 23.59 -0.48
C THR C 197 -4.13 22.69 0.14
N HIS C 198 -3.07 23.31 0.69
CA HIS C 198 -1.95 22.59 1.24
C HIS C 198 -1.19 23.52 2.16
N GLN C 199 -0.51 22.94 3.15
CA GLN C 199 0.23 23.72 4.14
C GLN C 199 1.26 24.64 3.53
N GLY C 200 1.80 24.32 2.35
CA GLY C 200 2.77 25.20 1.69
C GLY C 200 2.21 26.37 0.88
N LEU C 201 0.89 26.44 0.77
CA LEU C 201 0.17 27.47 -0.02
C LEU C 201 -0.58 28.41 0.90
N SER C 202 -0.26 29.70 0.81
CA SER C 202 -0.88 30.69 1.67
C SER C 202 -2.35 30.90 1.32
N SER C 203 -2.69 30.61 0.06
CA SER C 203 -4.06 30.62 -0.43
C SER C 203 -4.17 29.52 -1.50
N PRO C 204 -5.38 28.99 -1.75
CA PRO C 204 -5.52 27.88 -2.69
C PRO C 204 -5.02 28.22 -4.10
N VAL C 205 -4.48 27.21 -4.76
CA VAL C 205 -4.05 27.27 -6.16
C VAL C 205 -5.15 26.60 -7.02
N THR C 206 -5.58 27.28 -8.09
CA THR C 206 -6.51 26.70 -9.05
C THR C 206 -5.82 26.63 -10.39
N LYS C 207 -5.94 25.47 -11.04
CA LYS C 207 -5.53 25.32 -12.42
C LYS C 207 -6.77 24.90 -13.20
N SER C 208 -6.87 25.41 -14.43
CA SER C 208 -8.07 25.23 -15.22
C SER C 208 -7.74 25.12 -16.69
N PHE C 209 -8.64 24.48 -17.45
CA PHE C 209 -8.58 24.55 -18.89
C PHE C 209 -9.97 24.87 -19.41
N ASN C 210 -9.98 25.36 -20.65
CA ASN C 210 -11.18 25.67 -21.37
C ASN C 210 -11.44 24.61 -22.41
N ARG C 211 -12.54 23.89 -22.22
CA ARG C 211 -12.87 22.69 -23.05
C ARG C 211 -12.84 23.08 -24.52
N GLY C 212 -13.35 24.27 -24.84
CA GLY C 212 -13.44 24.78 -26.20
C GLY C 212 -12.14 25.08 -26.93
N GLU C 213 -11.02 25.14 -26.19
CA GLU C 213 -9.70 25.39 -26.76
C GLU C 213 -8.90 24.16 -27.10
N CYS C 214 -9.32 23.00 -26.58
CA CYS C 214 -8.49 21.79 -26.62
C CYS C 214 -8.25 21.30 -28.04
CAC FLC D . 15.39 -14.54 19.37
CA FLC D . 15.50 -15.66 20.38
CB FLC D . 15.74 -17.00 19.70
CBC FLC D . 14.54 -17.24 18.74
CG FLC D . 15.88 -18.12 20.74
CGC FLC D . 17.20 -18.89 20.69
OA1 FLC D . 14.24 -14.31 18.86
OA2 FLC D . 16.48 -14.00 19.02
OB1 FLC D . 13.44 -17.53 19.27
OB2 FLC D . 14.73 -17.02 17.53
OG1 FLC D . 17.15 -20.12 20.53
OG2 FLC D . 18.27 -18.23 20.79
OHB FLC D . 16.94 -16.90 18.94
#